data_4YLW
#
_entry.id   4YLW
#
_cell.length_a   90.721
_cell.length_b   90.721
_cell.length_c   123.020
_cell.angle_alpha   90.00
_cell.angle_beta   90.00
_cell.angle_gamma   120.00
#
_symmetry.space_group_name_H-M   'P 32 2 1'
#
loop_
_entity.id
_entity.type
_entity.pdbx_description
1 polymer 'Dihydroorotate dehydrogenase (quinone), mitochondrial'
2 non-polymer "methyl (2Z)-cyano[3-(3-fluoro-4'-methoxybiphenyl-4-yl)-4-oxo-1,3-thiazolidin-2-ylidene]acetate"
3 non-polymer 'FLAVIN MONONUCLEOTIDE'
4 non-polymer 'OROTIC ACID'
5 non-polymer 'SULFATE ION'
6 water water
#
_entity_poly.entity_id   1
_entity_poly.type   'polypeptide(L)'
_entity_poly.pdbx_seq_one_letter_code
;MGHHHHHHHHHHSSGHIDDDDKHMATGDERFYAEHLMPTLQGLLDPESAHRLAVRFTSLGLLPRARFQDSDMLEVRVLGH
KFRNPVGIAAGFDKHGEAVDGLYKMGFGFVEIGSVTPKPQEGNPRPRVFRLPEDQAVINRYGFNSHGLSVVEHRLRARQQ
KQAKLTEDGLPLGVNLGKNKTSVDAAEDYAEGVRVLGPLADYLVVNVSSPNTAGLRSLQGKAELRRLLTKVLQERDGLRR
VHRPAVLVKIAPDLTSQDKEDIASVVKELGIDGLIVTNTTVSRPAGLQGALRSETGGLSGKPLRDLSTQTIREMYALTQG
RVPIIGVGGVSSGQDALEKIRAGASLVQLYTALTFWGPPVVGKVKRELEALLKEQGFGGVTDAIGADHRR
;
_entity_poly.pdbx_strand_id   A
#
loop_
_chem_comp.id
_chem_comp.type
_chem_comp.name
_chem_comp.formula
52Y non-polymer 'methyl (2Z)-cyano[3-(3-fluoro-4'-methoxybiphenyl-4-yl)-4-oxo-1,3-thiazolidin-2-ylidene]acetate' 'C20 H15 F N2 O4 S'
FMN non-polymer 'FLAVIN MONONUCLEOTIDE' 'C17 H21 N4 O9 P'
ORO non-polymer 'OROTIC ACID' 'C5 H4 N2 O4'
SO4 non-polymer 'SULFATE ION' 'O4 S -2'
#
# COMPACT_ATOMS: atom_id res chain seq x y z
N GLY A 27 5.01 -7.55 -23.08
CA GLY A 27 3.59 -7.34 -22.87
C GLY A 27 3.25 -5.88 -23.01
N ASP A 28 2.51 -5.68 -24.09
CA ASP A 28 2.24 -4.38 -24.65
C ASP A 28 1.39 -3.62 -23.68
N GLU A 29 1.75 -2.36 -23.55
CA GLU A 29 0.98 -1.43 -22.73
C GLU A 29 -0.37 -1.14 -23.42
N ARG A 30 -0.30 -0.88 -24.72
CA ARG A 30 -1.49 -0.63 -25.54
C ARG A 30 -2.47 -1.81 -25.58
N PHE A 31 -1.96 -3.00 -25.86
CA PHE A 31 -2.84 -4.17 -25.94
C PHE A 31 -3.64 -4.38 -24.65
N TYR A 32 -2.93 -4.30 -23.52
CA TYR A 32 -3.61 -4.52 -22.22
C TYR A 32 -4.64 -3.43 -21.93
N ALA A 33 -4.23 -2.20 -22.18
CA ALA A 33 -5.04 -1.05 -21.85
C ALA A 33 -6.25 -0.98 -22.74
N GLU A 34 -6.05 -1.31 -24.04
CA GLU A 34 -7.14 -1.10 -25.04
C GLU A 34 -7.90 -2.36 -25.38
N HIS A 35 -7.37 -3.57 -25.10
CA HIS A 35 -8.13 -4.79 -25.46
C HIS A 35 -8.34 -5.74 -24.30
N LEU A 36 -7.25 -6.15 -23.66
CA LEU A 36 -7.38 -7.20 -22.65
C LEU A 36 -8.19 -6.73 -21.43
N MET A 37 -7.76 -5.62 -20.80
CA MET A 37 -8.44 -5.23 -19.55
C MET A 37 -9.90 -4.84 -19.83
N PRO A 38 -10.15 -4.05 -20.93
CA PRO A 38 -11.58 -3.79 -21.24
C PRO A 38 -12.42 -5.07 -21.43
N THR A 39 -11.85 -6.11 -22.02
CA THR A 39 -12.60 -7.33 -22.24
C THR A 39 -12.89 -8.05 -20.95
N LEU A 40 -11.87 -8.19 -20.10
CA LEU A 40 -12.05 -8.82 -18.80
C LEU A 40 -13.08 -8.07 -18.01
N GLN A 41 -13.02 -6.73 -18.06
CA GLN A 41 -13.99 -5.89 -17.37
C GLN A 41 -15.41 -6.09 -17.92
N GLY A 42 -15.51 -6.22 -19.23
CA GLY A 42 -16.80 -6.48 -19.89
C GLY A 42 -17.33 -7.84 -19.55
N LEU A 43 -16.47 -8.79 -19.23
CA LEU A 43 -16.98 -10.12 -18.96
C LEU A 43 -17.23 -10.38 -17.48
N LEU A 44 -16.45 -9.81 -16.55
CA LEU A 44 -16.49 -10.24 -15.17
C LEU A 44 -16.76 -9.07 -14.25
N ASP A 45 -17.49 -9.36 -13.19
CA ASP A 45 -17.71 -8.43 -12.13
C ASP A 45 -16.33 -8.17 -11.49
N PRO A 46 -16.16 -7.03 -10.81
CA PRO A 46 -14.79 -6.73 -10.33
C PRO A 46 -14.25 -7.73 -9.32
N GLU A 47 -15.04 -8.27 -8.44
CA GLU A 47 -14.46 -9.27 -7.52
C GLU A 47 -13.98 -10.54 -8.19
N SER A 48 -14.79 -11.05 -9.13
CA SER A 48 -14.30 -12.20 -9.95
C SER A 48 -13.07 -11.89 -10.74
N ALA A 49 -13.01 -10.69 -11.33
CA ALA A 49 -11.86 -10.32 -12.09
C ALA A 49 -10.63 -10.31 -11.15
N HIS A 50 -10.81 -9.79 -9.95
CA HIS A 50 -9.67 -9.74 -8.96
C HIS A 50 -9.22 -11.15 -8.55
N ARG A 51 -10.18 -12.02 -8.28
CA ARG A 51 -9.82 -13.40 -7.96
C ARG A 51 -9.04 -14.07 -9.07
N LEU A 52 -9.44 -13.87 -10.31
CA LEU A 52 -8.72 -14.41 -11.48
C LEU A 52 -7.35 -13.81 -11.61
N ALA A 53 -7.25 -12.48 -11.40
CA ALA A 53 -5.96 -11.85 -11.40
C ALA A 53 -4.99 -12.40 -10.37
N VAL A 54 -5.47 -12.64 -9.15
CA VAL A 54 -4.62 -13.20 -8.08
C VAL A 54 -4.13 -14.60 -8.49
N ARG A 55 -5.05 -15.34 -9.09
CA ARG A 55 -4.71 -16.69 -9.57
C ARG A 55 -3.69 -16.65 -10.63
N PHE A 56 -3.89 -15.85 -11.66
CA PHE A 56 -2.90 -15.76 -12.72
C PHE A 56 -1.59 -15.27 -12.25
N THR A 57 -1.60 -14.25 -11.34
CA THR A 57 -0.38 -13.72 -10.91
C THR A 57 0.34 -14.83 -10.12
N SER A 58 -0.34 -15.50 -9.24
CA SER A 58 0.28 -16.51 -8.35
C SER A 58 0.91 -17.59 -9.19
N LEU A 59 0.38 -17.84 -10.36
CA LEU A 59 1.01 -18.84 -11.32
C LEU A 59 2.05 -18.28 -12.30
N GLY A 60 2.37 -17.01 -12.20
CA GLY A 60 3.35 -16.45 -13.07
C GLY A 60 2.88 -16.22 -14.55
N LEU A 61 1.58 -16.15 -14.82
CA LEU A 61 1.04 -15.97 -16.19
C LEU A 61 0.88 -14.48 -16.49
N LEU A 62 2.00 -13.89 -16.79
CA LEU A 62 2.07 -12.45 -16.90
C LEU A 62 2.97 -12.12 -18.09
N PRO A 63 2.84 -10.88 -18.58
CA PRO A 63 3.70 -10.24 -19.59
C PRO A 63 5.08 -9.98 -19.00
N ARG A 64 6.20 -9.85 -19.71
CA ARG A 64 7.48 -10.49 -19.28
C ARG A 64 8.31 -10.36 -17.90
N ALA A 65 8.61 -9.19 -17.35
CA ALA A 65 8.40 -7.88 -17.93
C ALA A 65 9.77 -7.25 -18.16
N ARG A 66 9.94 -6.73 -19.38
CA ARG A 66 11.23 -6.30 -19.92
C ARG A 66 11.96 -5.15 -19.20
N PHE A 67 11.27 -4.09 -18.82
CA PHE A 67 11.96 -3.01 -18.09
C PHE A 67 13.04 -3.47 -17.07
N GLN A 68 14.29 -3.06 -17.22
CA GLN A 68 15.28 -3.46 -16.22
C GLN A 68 15.63 -2.25 -15.40
N ASP A 69 15.54 -2.43 -14.11
CA ASP A 69 15.63 -1.30 -13.19
C ASP A 69 17.05 -0.69 -13.27
N SER A 70 17.12 0.60 -13.51
CA SER A 70 18.42 1.28 -13.38
C SER A 70 18.72 1.64 -12.00
N ASP A 71 20.00 1.95 -11.78
CA ASP A 71 20.49 2.38 -10.49
C ASP A 71 19.83 3.69 -9.98
N MET A 72 19.27 4.50 -10.88
CA MET A 72 18.70 5.79 -10.49
C MET A 72 17.42 5.50 -9.63
N LEU A 73 16.88 4.27 -9.75
CA LEU A 73 15.57 3.97 -9.10
C LEU A 73 15.74 3.34 -7.73
N GLU A 74 16.96 2.98 -7.37
CA GLU A 74 17.19 2.38 -6.02
C GLU A 74 17.06 3.35 -4.91
N VAL A 75 16.40 2.95 -3.87
CA VAL A 75 16.24 3.67 -2.69
C VAL A 75 16.62 2.88 -1.50
N ARG A 76 17.30 3.51 -0.54
CA ARG A 76 17.52 2.90 0.75
C ARG A 76 16.77 3.54 1.85
N VAL A 77 15.86 2.81 2.49
CA VAL A 77 15.06 3.34 3.54
C VAL A 77 14.49 2.20 4.40
N LEU A 78 14.03 2.44 5.62
CA LEU A 78 13.42 1.45 6.47
C LEU A 78 14.37 0.28 6.76
N GLY A 79 15.68 0.48 6.66
CA GLY A 79 16.67 -0.61 6.93
C GLY A 79 16.91 -1.52 5.76
N HIS A 80 16.38 -1.15 4.60
CA HIS A 80 16.49 -1.94 3.41
C HIS A 80 16.85 -1.14 2.09
N LYS A 81 17.38 -1.88 1.14
CA LYS A 81 17.48 -1.53 -0.19
C LYS A 81 16.21 -1.88 -0.92
N PHE A 82 15.72 -0.94 -1.74
CA PHE A 82 14.62 -1.19 -2.65
C PHE A 82 15.11 -1.00 -4.08
N ARG A 83 15.06 -2.02 -4.92
CA ARG A 83 15.59 -1.94 -6.25
C ARG A 83 14.87 -0.89 -7.12
N ASN A 84 13.58 -0.68 -6.84
CA ASN A 84 12.83 0.44 -7.43
C ASN A 84 11.77 0.86 -6.44
N PRO A 85 11.19 2.04 -6.59
CA PRO A 85 10.41 2.57 -5.49
C PRO A 85 8.92 2.28 -5.66
N VAL A 86 8.55 1.43 -6.59
CA VAL A 86 7.14 1.17 -6.97
C VAL A 86 6.64 -0.17 -6.39
N GLY A 87 5.74 -0.12 -5.41
CA GLY A 87 5.22 -1.28 -4.74
C GLY A 87 3.78 -1.52 -5.08
N ILE A 88 3.31 -2.73 -4.79
CA ILE A 88 1.89 -3.08 -4.87
C ILE A 88 1.29 -2.79 -3.51
N ALA A 89 0.22 -1.99 -3.51
CA ALA A 89 -0.41 -1.58 -2.28
C ALA A 89 -1.17 -2.78 -1.65
N ALA A 90 -1.43 -2.70 -0.38
CA ALA A 90 -2.19 -3.68 0.34
C ALA A 90 -3.60 -3.80 -0.29
N GLY A 91 -4.13 -5.01 -0.24
CA GLY A 91 -5.47 -5.27 -0.68
C GLY A 91 -5.54 -6.14 -1.89
N PHE A 92 -4.53 -6.14 -2.69
CA PHE A 92 -4.48 -6.94 -3.90
C PHE A 92 -4.18 -8.38 -3.50
N ASP A 93 -3.12 -8.58 -2.76
CA ASP A 93 -2.74 -9.97 -2.29
C ASP A 93 -3.03 -9.96 -0.75
N LYS A 94 -4.26 -10.14 -0.37
CA LYS A 94 -4.66 -10.01 0.98
C LYS A 94 -4.11 -11.16 1.84
N HIS A 95 -3.88 -12.31 1.22
CA HIS A 95 -3.55 -13.50 2.00
C HIS A 95 -2.20 -14.06 1.68
N GLY A 96 -1.33 -13.33 0.97
CA GLY A 96 0.00 -13.73 0.70
C GLY A 96 0.16 -14.87 -0.27
N GLU A 97 -0.69 -14.89 -1.27
CA GLU A 97 -0.72 -15.98 -2.30
C GLU A 97 0.00 -15.70 -3.55
N ALA A 98 0.40 -14.45 -3.79
CA ALA A 98 0.88 -14.05 -5.10
C ALA A 98 2.16 -13.29 -5.08
N VAL A 99 2.90 -13.40 -3.96
CA VAL A 99 4.04 -12.52 -3.75
C VAL A 99 5.08 -12.65 -4.86
N ASP A 100 5.48 -13.89 -5.17
CA ASP A 100 6.50 -14.05 -6.18
C ASP A 100 6.09 -13.56 -7.57
N GLY A 101 4.86 -13.75 -7.90
CA GLY A 101 4.33 -13.24 -9.16
C GLY A 101 4.24 -11.76 -9.22
N LEU A 102 4.06 -11.12 -8.08
CA LEU A 102 4.17 -9.64 -8.02
C LEU A 102 5.53 -9.14 -8.19
N TYR A 103 6.54 -9.77 -7.63
CA TYR A 103 7.92 -9.35 -8.00
C TYR A 103 8.21 -9.53 -9.50
N LYS A 104 7.69 -10.60 -10.06
CA LYS A 104 7.86 -10.86 -11.49
C LYS A 104 7.24 -9.81 -12.36
N MET A 105 6.21 -9.17 -11.83
CA MET A 105 5.55 -8.06 -12.47
C MET A 105 6.37 -6.79 -12.53
N GLY A 106 7.39 -6.69 -11.68
CA GLY A 106 8.32 -5.60 -11.72
C GLY A 106 8.21 -4.69 -10.47
N PHE A 107 7.35 -5.03 -9.52
CA PHE A 107 7.28 -4.27 -8.26
C PHE A 107 8.60 -4.35 -7.51
N GLY A 108 9.10 -3.25 -6.98
CA GLY A 108 10.27 -3.13 -6.12
C GLY A 108 10.04 -3.67 -4.73
N PHE A 109 8.77 -3.76 -4.32
CA PHE A 109 8.47 -4.29 -2.99
C PHE A 109 7.00 -4.71 -3.05
N VAL A 110 6.63 -5.63 -2.17
CA VAL A 110 5.29 -6.17 -2.14
C VAL A 110 4.74 -6.05 -0.75
N GLU A 111 3.52 -5.60 -0.62
CA GLU A 111 2.82 -5.54 0.70
C GLU A 111 1.61 -6.45 0.62
N ILE A 112 1.50 -7.39 1.53
CA ILE A 112 0.34 -8.23 1.66
C ILE A 112 -0.56 -7.81 2.76
N GLY A 113 -1.80 -8.28 2.74
CA GLY A 113 -2.83 -7.91 3.73
C GLY A 113 -3.90 -6.96 3.21
N SER A 114 -4.72 -6.46 4.10
CA SER A 114 -4.61 -6.62 5.53
C SER A 114 -4.96 -8.04 6.00
N VAL A 115 -4.22 -8.51 7.00
CA VAL A 115 -4.51 -9.81 7.66
C VAL A 115 -5.06 -9.57 9.03
N THR A 116 -6.15 -10.28 9.37
CA THR A 116 -6.74 -10.19 10.68
C THR A 116 -6.36 -11.46 11.51
N PRO A 117 -6.49 -11.36 12.81
CA PRO A 117 -6.00 -12.51 13.67
C PRO A 117 -6.69 -13.77 13.35
N LYS A 118 -7.99 -13.76 13.39
CA LYS A 118 -8.86 -14.93 13.03
C LYS A 118 -9.35 -14.79 11.61
N PRO A 119 -9.53 -15.88 10.90
CA PRO A 119 -10.20 -15.76 9.59
C PRO A 119 -11.55 -15.10 9.68
N GLN A 120 -11.94 -14.37 8.64
CA GLN A 120 -13.27 -13.75 8.59
C GLN A 120 -13.63 -13.47 7.18
N GLU A 121 -14.92 -13.50 6.88
CA GLU A 121 -15.37 -13.52 5.51
C GLU A 121 -15.49 -12.06 4.87
N GLY A 122 -15.54 -11.09 5.70
CA GLY A 122 -15.79 -9.73 5.18
C GLY A 122 -17.28 -9.49 4.89
N ASN A 123 -17.56 -8.38 4.20
CA ASN A 123 -18.99 -8.14 3.87
C ASN A 123 -19.60 -8.94 2.79
N PRO A 124 -20.99 -8.97 2.73
CA PRO A 124 -21.67 -9.61 1.56
C PRO A 124 -21.46 -9.01 0.20
N ARG A 125 -21.49 -9.83 -0.84
CA ARG A 125 -21.28 -9.47 -2.19
C ARG A 125 -22.57 -8.96 -2.87
N PRO A 126 -22.49 -7.98 -3.77
CA PRO A 126 -21.31 -7.25 -4.23
C PRO A 126 -20.78 -6.24 -3.16
N ARG A 127 -19.42 -6.12 -3.16
CA ARG A 127 -18.76 -5.28 -2.21
C ARG A 127 -17.60 -4.51 -2.90
N VAL A 128 -17.56 -4.52 -4.21
CA VAL A 128 -16.52 -3.75 -4.96
C VAL A 128 -17.15 -3.31 -6.25
N PHE A 129 -16.83 -2.11 -6.71
CA PHE A 129 -17.56 -1.47 -7.78
C PHE A 129 -16.59 -0.64 -8.60
N ARG A 130 -16.67 -0.78 -9.92
CA ARG A 130 -15.88 0.01 -10.84
C ARG A 130 -16.59 1.33 -11.23
N LEU A 131 -15.79 2.38 -11.44
CA LEU A 131 -16.28 3.70 -11.84
C LEU A 131 -15.37 4.05 -13.00
N PRO A 132 -15.65 3.42 -14.16
CA PRO A 132 -14.71 3.55 -15.25
C PRO A 132 -14.57 4.99 -15.78
N GLU A 133 -15.65 5.74 -15.80
CA GLU A 133 -15.57 7.10 -16.30
C GLU A 133 -14.69 7.96 -15.38
N ASP A 134 -14.42 7.50 -14.16
CA ASP A 134 -13.61 8.23 -13.18
C ASP A 134 -12.22 7.59 -13.00
N GLN A 135 -11.92 6.47 -13.67
CA GLN A 135 -10.75 5.70 -13.39
C GLN A 135 -10.62 5.44 -11.89
N ALA A 136 -11.72 5.03 -11.28
CA ALA A 136 -11.81 4.84 -9.84
C ALA A 136 -12.50 3.53 -9.51
N VAL A 137 -12.36 3.14 -8.25
CA VAL A 137 -13.05 1.96 -7.66
C VAL A 137 -13.60 2.38 -6.34
N ILE A 138 -14.75 1.77 -5.92
CA ILE A 138 -15.20 1.87 -4.57
C ILE A 138 -15.25 0.43 -4.02
N ASN A 139 -14.68 0.23 -2.87
CA ASN A 139 -14.76 -1.10 -2.17
C ASN A 139 -15.23 -0.99 -0.78
N ARG A 140 -15.91 -2.09 -0.34
CA ARG A 140 -16.34 -2.25 1.02
C ARG A 140 -16.11 -3.75 1.37
N TYR A 141 -14.90 -4.26 1.15
CA TYR A 141 -14.63 -5.71 1.50
C TYR A 141 -14.80 -6.03 2.93
N GLY A 142 -14.37 -5.12 3.81
CA GLY A 142 -14.49 -5.33 5.25
C GLY A 142 -13.49 -6.39 5.78
N PHE A 143 -12.23 -6.37 5.30
CA PHE A 143 -11.20 -7.24 5.81
C PHE A 143 -11.60 -8.74 5.69
N ASN A 144 -11.91 -9.17 4.50
CA ASN A 144 -11.91 -10.57 4.17
C ASN A 144 -10.49 -11.09 4.37
N SER A 145 -10.28 -12.07 5.26
CA SER A 145 -8.90 -12.47 5.54
C SER A 145 -8.88 -14.01 5.88
N HIS A 146 -7.90 -14.65 5.33
CA HIS A 146 -7.59 -16.08 5.74
C HIS A 146 -7.09 -16.19 7.17
N GLY A 147 -6.72 -15.09 7.81
CA GLY A 147 -6.25 -15.04 9.17
C GLY A 147 -4.76 -15.27 9.32
N LEU A 148 -4.25 -14.97 10.49
CA LEU A 148 -2.82 -15.00 10.71
C LEU A 148 -2.16 -16.39 10.51
N SER A 149 -2.84 -17.40 11.03
CA SER A 149 -2.24 -18.76 11.01
CA SER A 149 -2.25 -18.77 11.01
C SER A 149 -2.02 -19.23 9.59
N VAL A 150 -3.05 -19.07 8.74
CA VAL A 150 -2.90 -19.43 7.35
C VAL A 150 -1.81 -18.65 6.63
N VAL A 151 -1.78 -17.32 6.83
CA VAL A 151 -0.77 -16.54 6.20
C VAL A 151 0.62 -16.84 6.71
N GLU A 152 0.73 -17.10 8.03
CA GLU A 152 2.01 -17.47 8.66
C GLU A 152 2.60 -18.67 7.93
N HIS A 153 1.78 -19.69 7.79
CA HIS A 153 2.29 -20.90 7.15
C HIS A 153 2.65 -20.67 5.68
N ARG A 154 1.85 -19.87 5.01
CA ARG A 154 2.11 -19.53 3.64
C ARG A 154 3.43 -18.78 3.47
N LEU A 155 3.73 -17.82 4.32
CA LEU A 155 4.99 -17.14 4.26
C LEU A 155 6.17 -18.01 4.71
N ARG A 156 5.93 -18.87 5.69
CA ARG A 156 7.00 -19.73 6.16
C ARG A 156 7.46 -20.68 5.05
N ALA A 157 6.53 -21.06 4.19
CA ALA A 157 6.90 -22.01 3.05
C ALA A 157 7.86 -21.43 2.06
N ARG A 158 7.98 -20.08 2.02
CA ARG A 158 8.90 -19.38 1.13
C ARG A 158 9.79 -18.42 1.83
N GLN A 159 10.05 -18.65 3.12
CA GLN A 159 10.73 -17.69 3.98
C GLN A 159 12.14 -17.42 3.52
N GLN A 160 12.91 -18.46 3.13
CA GLN A 160 14.27 -18.23 2.69
C GLN A 160 14.33 -17.69 1.29
N LYS A 161 13.35 -18.02 0.46
CA LYS A 161 13.25 -17.42 -0.86
C LYS A 161 13.07 -15.93 -0.67
N GLN A 162 12.29 -15.54 0.34
CA GLN A 162 12.08 -14.06 0.60
C GLN A 162 13.27 -13.45 1.20
N ALA A 163 14.01 -14.17 2.06
CA ALA A 163 15.23 -13.62 2.58
C ALA A 163 16.17 -13.25 1.51
N LYS A 164 16.33 -14.10 0.49
CA LYS A 164 17.20 -13.79 -0.64
C LYS A 164 16.68 -12.59 -1.49
N LEU A 165 15.37 -12.55 -1.66
CA LEU A 165 14.71 -11.45 -2.41
C LEU A 165 14.99 -10.14 -1.67
N THR A 166 14.80 -10.13 -0.38
CA THR A 166 15.04 -8.95 0.43
C THR A 166 16.49 -8.47 0.33
N GLU A 167 17.38 -9.43 0.42
CA GLU A 167 18.81 -9.08 0.26
C GLU A 167 19.13 -8.54 -1.13
N ASP A 168 18.42 -8.95 -2.16
CA ASP A 168 18.64 -8.53 -3.49
C ASP A 168 17.83 -7.21 -3.77
N GLY A 169 17.20 -6.66 -2.76
CA GLY A 169 16.53 -5.37 -2.94
C GLY A 169 15.03 -5.43 -3.19
N LEU A 170 14.41 -6.56 -2.77
CA LEU A 170 12.96 -6.78 -3.04
C LEU A 170 12.25 -7.13 -1.73
N PRO A 171 12.02 -6.13 -0.85
CA PRO A 171 11.47 -6.38 0.42
C PRO A 171 9.97 -6.67 0.42
N LEU A 172 9.55 -7.26 1.54
CA LEU A 172 8.17 -7.67 1.83
C LEU A 172 7.57 -6.92 3.03
N GLY A 173 6.38 -6.31 2.84
CA GLY A 173 5.65 -5.72 3.90
C GLY A 173 4.42 -6.55 4.21
N VAL A 174 4.04 -6.55 5.44
CA VAL A 174 2.84 -7.20 5.94
C VAL A 174 1.94 -6.24 6.63
N ASN A 175 0.71 -6.10 6.18
CA ASN A 175 -0.25 -5.12 6.65
C ASN A 175 -1.28 -5.84 7.57
N LEU A 176 -1.40 -5.34 8.78
CA LEU A 176 -2.21 -5.92 9.86
C LEU A 176 -3.50 -5.20 10.08
N GLY A 177 -4.58 -5.96 10.17
CA GLY A 177 -5.87 -5.42 10.53
C GLY A 177 -6.43 -6.07 11.80
N LYS A 178 -7.69 -5.78 12.04
CA LYS A 178 -8.38 -6.22 13.22
C LYS A 178 -9.72 -6.87 12.91
N ASN A 179 -10.08 -7.84 13.69
CA ASN A 179 -11.28 -8.61 13.37
C ASN A 179 -12.49 -7.75 13.72
N LYS A 180 -13.55 -8.01 13.00
CA LYS A 180 -14.84 -7.30 13.20
C LYS A 180 -15.34 -7.44 14.65
N THR A 181 -15.35 -8.63 15.16
CA THR A 181 -15.89 -8.79 16.54
C THR A 181 -14.88 -8.70 17.67
N SER A 182 -13.64 -8.34 17.36
CA SER A 182 -12.65 -8.28 18.44
C SER A 182 -13.01 -7.22 19.47
N VAL A 183 -12.92 -7.57 20.75
CA VAL A 183 -13.06 -6.61 21.88
C VAL A 183 -11.93 -5.55 21.87
N ASP A 184 -10.69 -6.04 21.89
CA ASP A 184 -9.50 -5.29 22.20
C ASP A 184 -8.66 -5.12 20.95
N ALA A 185 -8.81 -3.98 20.30
CA ALA A 185 -8.11 -3.77 19.01
C ALA A 185 -6.62 -3.85 19.11
N ALA A 186 -6.07 -3.25 20.15
CA ALA A 186 -4.63 -3.28 20.29
C ALA A 186 -4.12 -4.71 20.42
N GLU A 187 -4.84 -5.57 21.08
CA GLU A 187 -4.39 -6.95 21.20
C GLU A 187 -4.44 -7.62 19.82
N ASP A 188 -5.42 -7.30 18.96
CA ASP A 188 -5.41 -7.85 17.58
C ASP A 188 -4.10 -7.45 16.92
N TYR A 189 -3.72 -6.15 16.97
CA TYR A 189 -2.51 -5.76 16.30
C TYR A 189 -1.26 -6.42 16.91
N ALA A 190 -1.21 -6.50 18.22
CA ALA A 190 -0.11 -7.18 18.93
C ALA A 190 0.05 -8.63 18.47
N GLU A 191 -1.06 -9.30 18.37
CA GLU A 191 -1.02 -10.73 17.89
C GLU A 191 -0.42 -10.78 16.48
N GLY A 192 -0.81 -9.83 15.60
CA GLY A 192 -0.20 -9.74 14.28
C GLY A 192 1.25 -9.49 14.27
N VAL A 193 1.74 -8.60 15.15
CA VAL A 193 3.15 -8.35 15.25
C VAL A 193 3.89 -9.64 15.68
N ARG A 194 3.34 -10.33 16.67
CA ARG A 194 3.95 -11.55 17.18
C ARG A 194 4.03 -12.67 16.14
N VAL A 195 2.97 -12.81 15.34
CA VAL A 195 2.84 -13.94 14.39
C VAL A 195 3.54 -13.65 13.05
N LEU A 196 3.26 -12.48 12.48
CA LEU A 196 3.84 -12.15 11.19
C LEU A 196 5.01 -11.20 11.22
N GLY A 197 5.24 -10.51 12.31
CA GLY A 197 6.40 -9.71 12.35
C GLY A 197 7.74 -10.33 12.00
N PRO A 198 7.93 -11.55 12.44
CA PRO A 198 9.21 -12.22 12.19
C PRO A 198 9.41 -12.31 10.68
N LEU A 199 8.31 -12.50 9.96
CA LEU A 199 8.33 -12.88 8.57
C LEU A 199 8.27 -11.66 7.63
N ALA A 200 8.34 -10.47 8.19
CA ALA A 200 8.13 -9.21 7.41
C ALA A 200 9.33 -8.32 7.47
N ASP A 201 9.69 -7.64 6.39
CA ASP A 201 10.63 -6.56 6.50
C ASP A 201 10.05 -5.30 7.14
N TYR A 202 8.74 -5.05 6.91
CA TYR A 202 8.04 -4.01 7.61
C TYR A 202 6.67 -4.45 7.87
N LEU A 203 6.09 -3.95 8.93
CA LEU A 203 4.74 -4.16 9.29
C LEU A 203 3.94 -2.88 9.14
N VAL A 204 2.67 -2.97 8.82
CA VAL A 204 1.84 -1.79 8.76
C VAL A 204 0.65 -1.94 9.72
N VAL A 205 0.44 -0.96 10.59
CA VAL A 205 -0.68 -0.90 11.43
C VAL A 205 -1.68 -0.11 10.64
N ASN A 206 -2.68 -0.84 10.15
CA ASN A 206 -3.71 -0.25 9.38
C ASN A 206 -4.82 0.21 10.20
N VAL A 207 -4.81 1.52 10.53
CA VAL A 207 -5.91 2.08 11.27
C VAL A 207 -6.82 3.01 10.40
N SER A 208 -6.88 2.76 9.10
CA SER A 208 -7.54 3.72 8.21
C SER A 208 -8.49 3.04 7.26
N SER A 209 -8.79 1.73 7.41
CA SER A 209 -9.84 1.21 6.61
C SER A 209 -11.18 1.92 6.89
N PRO A 210 -11.89 2.28 5.82
CA PRO A 210 -13.21 2.88 6.14
C PRO A 210 -14.32 1.90 6.32
N ASN A 211 -13.99 0.60 6.23
CA ASN A 211 -14.99 -0.47 6.17
C ASN A 211 -15.08 -1.34 7.40
N THR A 212 -14.46 -0.90 8.49
CA THR A 212 -14.57 -1.64 9.77
C THR A 212 -14.97 -0.58 10.79
N ALA A 213 -16.15 -0.76 11.37
CA ALA A 213 -16.76 0.23 12.27
C ALA A 213 -15.78 0.54 13.41
N GLY A 214 -15.62 1.85 13.69
CA GLY A 214 -14.76 2.31 14.74
C GLY A 214 -13.29 2.33 14.44
N LEU A 215 -12.82 1.70 13.35
CA LEU A 215 -11.35 1.50 13.20
C LEU A 215 -10.58 2.84 13.08
N ARG A 216 -11.19 3.77 12.31
CA ARG A 216 -10.51 5.02 12.02
C ARG A 216 -10.38 5.89 13.27
N SER A 217 -11.22 5.65 14.28
CA SER A 217 -11.05 6.36 15.59
C SER A 217 -9.73 6.00 16.28
N LEU A 218 -9.09 4.88 15.88
CA LEU A 218 -7.76 4.53 16.40
C LEU A 218 -6.67 5.51 15.95
N GLN A 219 -7.00 6.36 14.96
CA GLN A 219 -6.04 7.40 14.54
C GLN A 219 -6.03 8.61 15.54
N GLY A 220 -7.03 8.65 16.40
CA GLY A 220 -7.09 9.75 17.41
C GLY A 220 -5.87 9.72 18.33
N LYS A 221 -5.43 10.89 18.86
CA LYS A 221 -4.14 10.93 19.58
C LYS A 221 -3.99 9.91 20.66
N ALA A 222 -4.94 9.88 21.58
CA ALA A 222 -4.77 9.05 22.82
C ALA A 222 -4.80 7.55 22.45
N GLU A 223 -5.75 7.18 21.61
CA GLU A 223 -5.92 5.78 21.11
C GLU A 223 -4.72 5.36 20.32
N LEU A 224 -4.18 6.23 19.44
CA LEU A 224 -3.05 5.88 18.68
C LEU A 224 -1.81 5.70 19.55
N ARG A 225 -1.60 6.56 20.54
CA ARG A 225 -0.43 6.42 21.35
C ARG A 225 -0.46 5.11 22.15
N ARG A 226 -1.62 4.79 22.68
CA ARG A 226 -1.80 3.53 23.47
C ARG A 226 -1.57 2.33 22.57
N LEU A 227 -2.14 2.38 21.40
CA LEU A 227 -2.01 1.24 20.43
C LEU A 227 -0.62 1.10 19.96
N LEU A 228 0.04 2.20 19.54
CA LEU A 228 1.33 2.06 18.97
C LEU A 228 2.40 1.74 20.04
N THR A 229 2.20 2.21 21.26
CA THR A 229 3.14 1.84 22.38
C THR A 229 3.11 0.29 22.51
N LYS A 230 1.96 -0.29 22.50
CA LYS A 230 1.85 -1.74 22.62
C LYS A 230 2.43 -2.43 21.43
N VAL A 231 2.11 -1.95 20.22
CA VAL A 231 2.73 -2.53 19.01
C VAL A 231 4.23 -2.49 19.03
N LEU A 232 4.85 -1.36 19.37
CA LEU A 232 6.23 -1.21 19.35
C LEU A 232 6.92 -2.10 20.44
N GLN A 233 6.27 -2.21 21.56
CA GLN A 233 6.80 -3.07 22.69
C GLN A 233 6.89 -4.53 22.13
N GLU A 234 5.82 -4.99 21.49
CA GLU A 234 5.82 -6.37 20.93
C GLU A 234 6.86 -6.49 19.87
N ARG A 235 6.98 -5.48 19.01
CA ARG A 235 7.96 -5.50 17.93
C ARG A 235 9.40 -5.53 18.46
N ASP A 236 9.66 -4.76 19.50
CA ASP A 236 10.99 -4.68 20.10
C ASP A 236 11.36 -6.02 20.87
N GLY A 237 10.35 -6.77 21.19
CA GLY A 237 10.49 -8.09 21.82
C GLY A 237 10.90 -9.22 20.88
N LEU A 238 11.07 -8.90 19.60
CA LEU A 238 11.46 -9.90 18.61
C LEU A 238 12.96 -9.93 18.28
N ARG A 239 13.50 -11.15 18.17
CA ARG A 239 14.93 -11.33 18.00
C ARG A 239 15.40 -10.55 16.78
N ARG A 240 16.55 -9.90 16.95
CA ARG A 240 17.03 -8.83 16.06
C ARG A 240 16.89 -9.13 14.60
N VAL A 241 17.22 -10.31 14.18
CA VAL A 241 17.11 -10.68 12.79
C VAL A 241 15.66 -10.68 12.23
N HIS A 242 14.68 -10.81 13.14
CA HIS A 242 13.28 -10.90 12.75
C HIS A 242 12.47 -9.64 13.04
N ARG A 243 13.17 -8.58 13.44
CA ARG A 243 12.54 -7.38 13.94
C ARG A 243 12.22 -6.37 12.79
N PRO A 244 10.94 -6.27 12.41
CA PRO A 244 10.58 -5.43 11.28
C PRO A 244 10.46 -3.96 11.67
N ALA A 245 10.54 -3.10 10.66
CA ALA A 245 10.08 -1.72 10.79
C ALA A 245 8.57 -1.69 10.95
N VAL A 246 8.08 -0.68 11.65
CA VAL A 246 6.66 -0.52 11.92
C VAL A 246 6.22 0.83 11.30
N LEU A 247 5.19 0.75 10.44
CA LEU A 247 4.58 1.93 9.83
C LEU A 247 3.13 2.01 10.14
N VAL A 248 2.57 3.21 10.10
CA VAL A 248 1.16 3.41 10.38
C VAL A 248 0.51 3.94 9.07
N LYS A 249 -0.54 3.26 8.62
CA LYS A 249 -1.24 3.67 7.39
C LYS A 249 -2.45 4.52 7.81
N ILE A 250 -2.56 5.70 7.22
CA ILE A 250 -3.49 6.70 7.58
C ILE A 250 -4.42 7.05 6.44
N ALA A 251 -5.51 7.61 6.84
CA ALA A 251 -6.58 8.02 5.90
C ALA A 251 -6.26 9.33 5.17
N PRO A 252 -6.99 9.59 4.07
CA PRO A 252 -6.88 10.85 3.36
C PRO A 252 -7.88 11.86 3.89
N ASP A 253 -8.68 11.49 4.82
CA ASP A 253 -9.83 12.28 5.30
C ASP A 253 -9.59 12.90 6.70
N LEU A 254 -8.36 13.12 7.05
CA LEU A 254 -8.08 13.48 8.47
C LEU A 254 -8.26 14.95 8.56
N THR A 255 -8.68 15.43 9.71
CA THR A 255 -8.59 16.87 9.99
C THR A 255 -7.18 17.34 10.17
N SER A 256 -6.96 18.69 10.15
CA SER A 256 -5.65 19.21 10.49
C SER A 256 -5.21 18.76 11.88
N GLN A 257 -6.15 18.74 12.79
CA GLN A 257 -5.84 18.39 14.22
C GLN A 257 -5.36 16.93 14.30
N ASP A 258 -6.06 16.07 13.56
CA ASP A 258 -5.72 14.66 13.48
C ASP A 258 -4.28 14.45 12.92
N LYS A 259 -3.95 15.16 11.86
CA LYS A 259 -2.69 15.06 11.25
C LYS A 259 -1.57 15.54 12.18
N GLU A 260 -1.80 16.66 12.85
CA GLU A 260 -0.82 17.20 13.79
C GLU A 260 -0.57 16.22 14.93
N ASP A 261 -1.65 15.61 15.40
CA ASP A 261 -1.63 14.62 16.50
C ASP A 261 -0.86 13.38 16.10
N ILE A 262 -1.10 12.87 14.86
CA ILE A 262 -0.38 11.73 14.37
C ILE A 262 1.08 11.98 14.26
N ALA A 263 1.48 13.14 13.71
CA ALA A 263 2.84 13.50 13.60
C ALA A 263 3.54 13.58 14.99
N SER A 264 2.85 14.14 15.95
CA SER A 264 3.37 14.24 17.29
C SER A 264 3.65 12.84 17.87
N VAL A 265 2.67 11.97 17.76
CA VAL A 265 2.83 10.58 18.30
C VAL A 265 3.93 9.82 17.57
N VAL A 266 3.99 10.02 16.26
CA VAL A 266 4.97 9.32 15.44
C VAL A 266 6.37 9.69 15.91
N LYS A 267 6.56 10.97 16.19
CA LYS A 267 7.80 11.44 16.77
C LYS A 267 8.05 11.06 18.22
N GLU A 268 7.08 11.12 19.05
CA GLU A 268 7.25 10.79 20.46
C GLU A 268 7.67 9.28 20.56
N LEU A 269 7.07 8.39 19.76
CA LEU A 269 7.33 6.95 19.87
C LEU A 269 8.40 6.41 18.98
N GLY A 270 8.89 7.13 18.00
CA GLY A 270 9.89 6.66 17.06
C GLY A 270 9.31 5.65 16.05
N ILE A 271 8.05 5.85 15.70
CA ILE A 271 7.48 5.06 14.52
C ILE A 271 8.38 5.19 13.36
N ASP A 272 8.62 4.05 12.71
CA ASP A 272 9.52 3.98 11.57
C ASP A 272 9.05 4.78 10.36
N GLY A 273 7.76 4.74 10.05
CA GLY A 273 7.28 5.41 8.84
C GLY A 273 5.75 5.43 8.78
N LEU A 274 5.25 6.10 7.73
CA LEU A 274 3.82 6.30 7.48
C LEU A 274 3.51 5.84 6.02
N ILE A 275 2.32 5.24 5.87
CA ILE A 275 1.76 4.96 4.57
C ILE A 275 0.57 5.89 4.38
N VAL A 276 0.64 6.64 3.30
CA VAL A 276 -0.21 7.85 3.11
C VAL A 276 -0.65 7.74 1.66
N THR A 277 -1.89 7.30 1.32
CA THR A 277 -3.02 7.13 2.16
C THR A 277 -3.82 5.88 1.79
N ASN A 278 -4.74 5.56 2.67
CA ASN A 278 -5.80 4.59 2.40
C ASN A 278 -6.83 5.24 1.46
N THR A 279 -7.91 4.56 1.20
CA THR A 279 -9.04 5.10 0.40
C THR A 279 -9.79 6.18 1.12
N THR A 280 -10.57 6.96 0.34
CA THR A 280 -11.33 8.08 0.89
C THR A 280 -12.84 7.74 1.02
N VAL A 281 -13.41 8.19 2.11
CA VAL A 281 -14.85 8.16 2.34
C VAL A 281 -15.54 9.35 1.68
N SER A 282 -14.76 10.31 1.21
CA SER A 282 -15.26 11.45 0.48
C SER A 282 -15.71 11.03 -0.90
N ARG A 283 -16.52 11.88 -1.56
CA ARG A 283 -16.91 11.66 -2.95
C ARG A 283 -16.67 13.02 -3.63
N PRO A 284 -15.47 13.24 -4.12
CA PRO A 284 -15.08 14.52 -4.72
C PRO A 284 -16.10 14.91 -5.72
N ALA A 285 -16.36 16.24 -5.78
CA ALA A 285 -17.27 16.70 -6.82
C ALA A 285 -16.75 16.27 -8.19
N GLY A 286 -17.67 15.96 -9.08
CA GLY A 286 -17.31 15.61 -10.44
C GLY A 286 -17.32 14.17 -10.79
N LEU A 287 -17.46 13.28 -9.82
CA LEU A 287 -17.53 11.85 -10.18
C LEU A 287 -18.70 11.60 -11.12
N GLN A 288 -18.44 10.79 -12.10
CA GLN A 288 -19.45 10.48 -13.16
C GLN A 288 -19.99 9.04 -13.07
N GLY A 289 -19.26 8.11 -12.44
CA GLY A 289 -19.65 6.71 -12.48
C GLY A 289 -21.05 6.59 -11.90
N ALA A 290 -21.82 5.66 -12.48
CA ALA A 290 -23.15 5.39 -11.98
C ALA A 290 -23.12 4.92 -10.53
N LEU A 291 -22.03 4.28 -10.09
CA LEU A 291 -21.93 3.66 -8.79
C LEU A 291 -21.28 4.57 -7.73
N ARG A 292 -21.14 5.88 -8.03
CA ARG A 292 -20.45 6.85 -7.14
C ARG A 292 -21.00 6.93 -5.72
N SER A 293 -22.28 6.59 -5.50
CA SER A 293 -22.88 6.70 -4.23
C SER A 293 -22.92 5.36 -3.44
N GLU A 294 -22.24 4.36 -3.92
CA GLU A 294 -22.07 3.11 -3.16
C GLU A 294 -21.20 3.42 -1.93
N THR A 295 -21.54 2.81 -0.80
CA THR A 295 -20.77 2.91 0.42
C THR A 295 -19.39 2.21 0.23
N GLY A 296 -18.34 2.83 0.76
CA GLY A 296 -17.03 2.25 0.75
C GLY A 296 -15.95 3.27 0.56
N GLY A 297 -14.73 2.80 0.47
CA GLY A 297 -13.61 3.63 0.15
C GLY A 297 -13.37 3.75 -1.32
N LEU A 298 -13.10 4.99 -1.72
CA LEU A 298 -12.83 5.32 -3.12
C LEU A 298 -11.33 5.46 -3.40
N SER A 299 -10.88 4.78 -4.44
CA SER A 299 -9.51 4.72 -4.84
C SER A 299 -9.34 5.18 -6.30
N GLY A 300 -8.12 5.31 -6.78
CA GLY A 300 -7.93 5.70 -8.13
C GLY A 300 -7.76 7.20 -8.34
N LYS A 301 -7.98 7.63 -9.57
CA LYS A 301 -7.64 9.02 -9.95
C LYS A 301 -8.26 10.08 -9.09
N PRO A 302 -9.51 9.96 -8.66
CA PRO A 302 -10.08 11.04 -7.83
C PRO A 302 -9.46 11.19 -6.45
N LEU A 303 -8.75 10.17 -5.99
CA LEU A 303 -8.04 10.21 -4.72
C LEU A 303 -6.61 10.86 -4.88
N ARG A 304 -6.11 10.88 -6.10
CA ARG A 304 -4.68 11.13 -6.32
C ARG A 304 -4.17 12.35 -5.56
N ASP A 305 -4.75 13.51 -5.85
CA ASP A 305 -4.17 14.73 -5.29
C ASP A 305 -4.50 14.97 -3.85
N LEU A 306 -5.63 14.43 -3.38
CA LEU A 306 -5.88 14.37 -1.96
C LEU A 306 -4.81 13.64 -1.20
N SER A 307 -4.41 12.49 -1.73
CA SER A 307 -3.31 11.74 -1.15
CA SER A 307 -3.29 11.74 -1.15
C SER A 307 -1.95 12.45 -1.23
N THR A 308 -1.68 13.02 -2.38
CA THR A 308 -0.46 13.82 -2.53
C THR A 308 -0.35 14.92 -1.53
N GLN A 309 -1.47 15.62 -1.33
CA GLN A 309 -1.52 16.71 -0.37
C GLN A 309 -1.28 16.21 1.05
N THR A 310 -1.84 15.05 1.38
CA THR A 310 -1.66 14.47 2.70
C THR A 310 -0.19 14.10 2.93
N ILE A 311 0.47 13.53 1.94
CA ILE A 311 1.91 13.27 2.01
C ILE A 311 2.68 14.55 2.29
N ARG A 312 2.30 15.62 1.60
CA ARG A 312 3.04 16.87 1.66
C ARG A 312 2.93 17.38 3.05
N GLU A 313 1.73 17.36 3.60
CA GLU A 313 1.53 17.83 4.97
C GLU A 313 2.24 16.97 6.03
N MET A 314 2.16 15.66 5.89
CA MET A 314 2.80 14.79 6.88
C MET A 314 4.31 14.92 6.82
N TYR A 315 4.88 15.10 5.64
CA TYR A 315 6.31 15.28 5.52
C TYR A 315 6.75 16.53 6.29
N ALA A 316 6.03 17.61 6.03
CA ALA A 316 6.32 18.88 6.71
C ALA A 316 6.15 18.73 8.23
N LEU A 317 5.12 18.13 8.74
CA LEU A 317 4.90 18.00 10.12
C LEU A 317 5.91 17.11 10.81
N THR A 318 6.52 16.21 10.07
CA THR A 318 7.58 15.30 10.61
C THR A 318 8.99 15.73 10.28
N GLN A 319 9.14 16.91 9.71
CA GLN A 319 10.44 17.48 9.34
CA GLN A 319 10.42 17.51 9.33
C GLN A 319 11.25 16.71 8.38
N GLY A 320 10.54 15.91 7.54
CA GLY A 320 11.19 15.12 6.60
C GLY A 320 12.04 13.95 7.17
N ARG A 321 11.85 13.66 8.42
CA ARG A 321 12.70 12.68 9.12
C ARG A 321 12.00 11.33 9.23
N VAL A 322 10.75 11.21 8.71
CA VAL A 322 9.98 9.97 8.85
C VAL A 322 9.58 9.48 7.46
N PRO A 323 10.12 8.36 7.00
CA PRO A 323 9.85 7.88 5.68
C PRO A 323 8.34 7.70 5.45
N ILE A 324 7.94 8.06 4.23
CA ILE A 324 6.54 7.97 3.81
C ILE A 324 6.52 7.12 2.56
N ILE A 325 5.53 6.20 2.57
CA ILE A 325 5.20 5.44 1.41
C ILE A 325 3.89 6.08 0.91
N GLY A 326 3.98 6.60 -0.27
CA GLY A 326 2.89 7.38 -0.87
C GLY A 326 2.04 6.54 -1.80
N VAL A 327 0.70 6.66 -1.59
CA VAL A 327 -0.22 5.78 -2.32
C VAL A 327 -1.56 6.48 -2.49
N GLY A 328 -2.14 6.32 -3.65
CA GLY A 328 -3.48 6.87 -3.98
C GLY A 328 -3.40 7.55 -5.33
N GLY A 329 -4.00 6.81 -6.28
CA GLY A 329 -4.20 7.33 -7.59
C GLY A 329 -2.94 7.39 -8.46
N VAL A 330 -1.94 6.59 -8.18
CA VAL A 330 -0.72 6.60 -9.02
C VAL A 330 -0.94 5.74 -10.24
N SER A 331 -0.93 6.34 -11.43
CA SER A 331 -0.98 5.52 -12.66
C SER A 331 0.04 5.94 -13.74
N SER A 332 1.03 6.80 -13.43
CA SER A 332 2.03 7.23 -14.30
C SER A 332 3.28 7.65 -13.53
N GLY A 333 4.34 7.85 -14.30
CA GLY A 333 5.57 8.32 -13.75
C GLY A 333 5.38 9.70 -13.12
N GLN A 334 4.62 10.56 -13.80
CA GLN A 334 4.36 11.89 -13.22
C GLN A 334 3.68 11.74 -11.87
N ASP A 335 2.66 10.87 -11.77
CA ASP A 335 1.96 10.76 -10.51
C ASP A 335 2.94 10.26 -9.42
N ALA A 336 3.80 9.31 -9.77
CA ALA A 336 4.81 8.84 -8.85
C ALA A 336 5.73 10.00 -8.38
N LEU A 337 6.27 10.73 -9.34
CA LEU A 337 7.22 11.80 -9.03
C LEU A 337 6.58 12.89 -8.22
N GLU A 338 5.27 13.16 -8.46
CA GLU A 338 4.63 14.16 -7.67
C GLU A 338 4.63 13.76 -6.20
N LYS A 339 4.32 12.50 -5.95
CA LYS A 339 4.32 12.05 -4.54
C LYS A 339 5.73 12.05 -3.97
N ILE A 340 6.69 11.60 -4.72
CA ILE A 340 8.13 11.61 -4.29
C ILE A 340 8.54 13.06 -3.91
N ARG A 341 8.29 13.99 -4.80
CA ARG A 341 8.65 15.35 -4.53
C ARG A 341 7.92 15.96 -3.39
N ALA A 342 6.70 15.50 -3.13
CA ALA A 342 5.96 15.90 -1.95
C ALA A 342 6.47 15.32 -0.63
N GLY A 343 7.28 14.29 -0.69
CA GLY A 343 7.84 13.69 0.51
C GLY A 343 7.87 12.20 0.55
N ALA A 344 7.32 11.50 -0.42
CA ALA A 344 7.38 10.02 -0.37
C ALA A 344 8.73 9.51 -0.76
N SER A 345 9.25 8.50 0.01
CA SER A 345 10.36 7.77 -0.39
C SER A 345 10.11 6.65 -1.32
N LEU A 346 8.89 6.09 -1.29
CA LEU A 346 8.47 4.94 -2.05
C LEU A 346 6.98 5.28 -2.42
N VAL A 347 6.47 4.62 -3.45
CA VAL A 347 5.07 4.72 -3.79
C VAL A 347 4.48 3.36 -4.00
N GLN A 348 3.17 3.28 -3.92
CA GLN A 348 2.46 2.09 -4.25
C GLN A 348 1.28 2.39 -5.16
N LEU A 349 0.84 1.34 -5.82
CA LEU A 349 -0.41 1.43 -6.60
C LEU A 349 -1.20 0.16 -6.53
N TYR A 350 -2.51 0.33 -6.70
CA TYR A 350 -3.47 -0.77 -6.69
C TYR A 350 -4.49 -0.67 -7.83
N THR A 351 -5.20 0.46 -7.87
CA THR A 351 -6.36 0.63 -8.77
C THR A 351 -5.94 0.81 -10.19
N ALA A 352 -4.78 1.39 -10.49
CA ALA A 352 -4.33 1.54 -11.86
C ALA A 352 -4.23 0.18 -12.59
N LEU A 353 -3.90 -0.86 -11.84
CA LEU A 353 -3.77 -2.20 -12.39
C LEU A 353 -5.10 -2.66 -12.96
N THR A 354 -6.17 -2.30 -12.26
CA THR A 354 -7.49 -2.75 -12.63
C THR A 354 -7.80 -2.27 -14.04
N PHE A 355 -7.42 -1.05 -14.30
CA PHE A 355 -7.69 -0.48 -15.57
C PHE A 355 -6.67 -0.78 -16.64
N TRP A 356 -5.39 -0.72 -16.33
CA TRP A 356 -4.34 -0.80 -17.31
C TRP A 356 -3.59 -2.13 -17.35
N GLY A 357 -3.80 -2.94 -16.38
CA GLY A 357 -3.15 -4.20 -16.21
C GLY A 357 -1.68 -4.13 -15.94
N PRO A 358 -1.04 -5.25 -15.86
CA PRO A 358 0.40 -5.37 -15.48
C PRO A 358 1.39 -4.47 -16.18
N PRO A 359 1.18 -4.11 -17.44
CA PRO A 359 2.15 -3.24 -18.13
C PRO A 359 2.29 -1.89 -17.47
N VAL A 360 1.33 -1.48 -16.66
CA VAL A 360 1.39 -0.18 -16.04
C VAL A 360 2.59 -0.07 -15.08
N VAL A 361 3.05 -1.17 -14.53
CA VAL A 361 4.20 -1.17 -13.60
C VAL A 361 5.47 -0.64 -14.33
N GLY A 362 5.83 -1.29 -15.44
CA GLY A 362 7.00 -0.88 -16.21
C GLY A 362 6.80 0.52 -16.75
N LYS A 363 5.57 0.85 -17.15
CA LYS A 363 5.27 2.22 -17.59
C LYS A 363 5.60 3.30 -16.58
N VAL A 364 5.13 3.11 -15.36
CA VAL A 364 5.40 4.08 -14.28
C VAL A 364 6.88 4.19 -14.10
N LYS A 365 7.56 3.08 -14.04
CA LYS A 365 9.00 3.11 -13.79
C LYS A 365 9.81 3.80 -14.90
N ARG A 366 9.48 3.49 -16.15
CA ARG A 366 10.18 4.12 -17.31
C ARG A 366 9.90 5.58 -17.36
N GLU A 367 8.65 5.96 -17.18
CA GLU A 367 8.35 7.42 -17.08
C GLU A 367 8.97 8.14 -15.93
N LEU A 368 9.03 7.50 -14.77
CA LEU A 368 9.65 8.09 -13.62
C LEU A 368 11.14 8.34 -13.85
N GLU A 369 11.81 7.34 -14.40
CA GLU A 369 13.23 7.51 -14.68
C GLU A 369 13.42 8.69 -15.68
N ALA A 370 12.63 8.77 -16.72
CA ALA A 370 12.73 9.85 -17.70
C ALA A 370 12.54 11.22 -17.09
N LEU A 371 11.54 11.38 -16.19
CA LEU A 371 11.27 12.64 -15.60
C LEU A 371 12.34 13.02 -14.62
N LEU A 372 12.91 12.04 -13.87
CA LEU A 372 13.95 12.37 -12.95
C LEU A 372 15.11 13.01 -13.73
N LYS A 373 15.40 12.43 -14.86
CA LYS A 373 16.54 12.95 -15.70
C LYS A 373 16.22 14.33 -16.22
N GLU A 374 14.98 14.51 -16.64
CA GLU A 374 14.54 15.80 -17.21
C GLU A 374 14.57 16.88 -16.19
N GLN A 375 14.31 16.54 -14.92
CA GLN A 375 14.21 17.53 -13.84
C GLN A 375 15.53 17.71 -13.06
N GLY A 376 16.56 17.06 -13.53
CA GLY A 376 17.92 17.24 -13.02
C GLY A 376 18.21 16.50 -11.73
N PHE A 377 17.48 15.43 -11.46
CA PHE A 377 17.78 14.59 -10.30
C PHE A 377 18.68 13.44 -10.64
N GLY A 378 19.66 13.17 -9.80
CA GLY A 378 20.55 12.03 -10.03
C GLY A 378 19.87 10.69 -9.80
N GLY A 379 18.82 10.72 -9.00
CA GLY A 379 18.09 9.47 -8.76
C GLY A 379 16.88 9.81 -7.95
N VAL A 380 16.12 8.81 -7.57
CA VAL A 380 14.91 9.01 -6.76
C VAL A 380 15.27 9.65 -5.44
N THR A 381 16.36 9.17 -4.85
CA THR A 381 16.71 9.72 -3.60
C THR A 381 16.83 11.27 -3.52
N ASP A 382 17.34 11.85 -4.56
CA ASP A 382 17.54 13.27 -4.66
C ASP A 382 16.22 14.01 -4.80
N ALA A 383 15.20 13.33 -5.28
CA ALA A 383 13.88 13.96 -5.51
C ALA A 383 13.00 13.91 -4.29
N ILE A 384 13.29 13.05 -3.29
CA ILE A 384 12.41 12.92 -2.15
C ILE A 384 12.28 14.20 -1.38
N GLY A 385 11.09 14.74 -1.29
CA GLY A 385 10.81 15.98 -0.60
C GLY A 385 11.32 17.25 -1.32
N ALA A 386 11.71 17.15 -2.57
CA ALA A 386 12.29 18.29 -3.33
C ALA A 386 11.37 19.51 -3.36
N ASP A 387 10.02 19.29 -3.33
CA ASP A 387 9.13 20.51 -3.38
C ASP A 387 9.26 21.36 -2.14
N HIS A 388 9.70 20.76 -1.02
CA HIS A 388 9.79 21.49 0.23
C HIS A 388 11.08 22.38 0.31
N ARG A 389 12.03 22.15 -0.56
CA ARG A 389 13.36 22.82 -0.57
C ARG A 389 13.42 23.90 -1.67
N ARG A 390 12.31 24.08 -2.38
CA ARG A 390 12.23 25.07 -3.45
C ARG A 390 12.00 26.47 -2.87
C1 52Y B . -2.87 -4.90 -8.90
O1 52Y B . -4.08 -5.42 -9.46
C2 52Y B . -3.97 -6.34 -10.53
C3 52Y B . -5.07 -6.46 -11.42
C4 52Y B . -4.98 -7.26 -12.53
C5 52Y B . -3.85 -8.03 -12.69
C6 52Y B . -2.71 -7.96 -11.87
C7 52Y B . -2.77 -7.09 -10.76
C8 52Y B . -3.76 -8.93 -13.85
C9 52Y B . -2.97 -10.03 -13.66
C10 52Y B . -2.83 -10.89 -14.74
C11 52Y B . -3.49 -10.64 -15.98
C12 52Y B . -4.29 -9.48 -16.16
C13 52Y B . -4.41 -8.67 -15.01
N14 52Y B . -3.24 -11.50 -17.10
C15 52Y B . -1.97 -11.45 -17.66
C16 52Y B . -1.82 -12.32 -18.91
S17 52Y B . -3.46 -12.82 -19.27
C18 52Y B . -4.15 -12.26 -17.77
O19 52Y B . -1.02 -10.73 -17.25
F20 52Y B . -2.04 -11.99 -14.59
C21 52Y B . -5.42 -12.48 -17.32
C22 52Y B . -6.32 -13.30 -18.18
C23 52Y B . -5.92 -12.16 -16.19
N24 52Y B . -6.47 -11.84 -15.18
O25 52Y B . -7.66 -13.67 -17.77
O26 52Y B . -5.94 -13.65 -19.30
C27 52Y B . -8.52 -14.44 -18.63
N1 FMN C . -5.47 -0.95 2.20
C2 FMN C . -5.10 -1.64 3.33
O2 FMN C . -4.31 -1.07 4.11
N3 FMN C . -5.57 -2.93 3.56
C4 FMN C . -6.43 -3.54 2.79
O4 FMN C . -6.81 -4.75 3.06
C4A FMN C . -6.89 -2.89 1.60
N5 FMN C . -7.85 -3.44 0.75
C5A FMN C . -8.14 -2.84 -0.40
C6 FMN C . -8.98 -3.41 -1.34
C7 FMN C . -9.31 -2.78 -2.52
C7M FMN C . -10.18 -3.46 -3.50
C8 FMN C . -8.74 -1.47 -2.84
C8M FMN C . -9.06 -0.78 -4.15
C9 FMN C . -7.89 -0.91 -1.96
C9A FMN C . -7.59 -1.54 -0.73
N10 FMN C . -6.70 -0.91 0.20
C10 FMN C . -6.28 -1.55 1.32
C1' FMN C . -6.18 0.42 -0.07
C2' FMN C . -5.03 0.44 -1.03
O2' FMN C . -3.89 -0.19 -0.38
C3' FMN C . -4.56 1.88 -1.36
O3' FMN C . -4.25 2.56 -0.10
C4' FMN C . -5.68 2.71 -2.02
O4' FMN C . -6.51 1.89 -2.87
C5' FMN C . -5.10 3.87 -2.85
O5' FMN C . -4.27 3.43 -3.91
P FMN C . -4.82 3.26 -5.42
O1P FMN C . -5.74 2.03 -5.45
O2P FMN C . -3.52 3.08 -6.21
O3P FMN C . -5.56 4.54 -5.73
N1 ORO D . -9.41 -2.24 3.81
C2 ORO D . -8.67 -1.04 3.74
O2 ORO D . -7.79 -0.75 4.58
N3 ORO D . -8.96 -0.13 2.79
C4 ORO D . -9.94 -0.37 1.89
O4 ORO D . -10.24 0.49 1.03
C5 ORO D . -10.70 -1.49 1.98
C6 ORO D . -10.36 -2.49 2.86
C7 ORO D . -11.33 -3.58 3.08
O71 ORO D . -10.98 -4.72 3.40
O72 ORO D . -12.54 -3.17 2.98
S SO4 E . -2.14 -22.80 -0.01
O1 SO4 E . -0.92 -22.01 0.19
O2 SO4 E . -2.17 -24.09 0.71
O3 SO4 E . -2.26 -22.92 -1.49
O4 SO4 E . -3.35 -22.15 0.49
S SO4 F . 17.29 -16.34 14.62
O1 SO4 F . 17.66 -17.55 15.42
O2 SO4 F . 18.39 -15.54 14.21
O3 SO4 F . 16.46 -15.36 15.42
O4 SO4 F . 16.43 -16.79 13.54
S SO4 G . 12.47 -10.84 5.35
O1 SO4 G . 11.93 -11.57 6.56
O2 SO4 G . 13.75 -10.07 5.52
O3 SO4 G . 13.05 -11.65 4.27
O4 SO4 G . 11.31 -10.08 4.79
S SO4 H . 20.17 -22.06 7.63
O1 SO4 H . 20.20 -21.37 8.97
O2 SO4 H . 21.50 -22.73 7.36
O3 SO4 H . 19.75 -21.09 6.55
O4 SO4 H . 19.12 -23.02 7.69
S SO4 I . 21.10 -21.63 1.61
O1 SO4 I . 22.59 -21.48 1.81
O2 SO4 I . 20.45 -20.97 2.79
O3 SO4 I . 20.62 -20.98 0.31
O4 SO4 I . 20.83 -23.14 1.41
S SO4 J . 17.92 -10.70 20.51
O1 SO4 J . 19.11 -10.57 21.45
O2 SO4 J . 16.95 -11.64 21.19
O3 SO4 J . 17.18 -9.42 20.51
O4 SO4 J . 18.19 -10.68 19.03
S SO4 K . -16.99 4.40 11.55
O1 SO4 K . -17.80 3.43 12.37
O2 SO4 K . -15.53 4.48 12.06
O3 SO4 K . -17.57 5.75 11.55
O4 SO4 K . -17.02 4.04 10.11
S SO4 L . 7.85 -4.37 -19.03
O1 SO4 L . 8.52 -4.25 -17.71
O2 SO4 L . 8.77 -3.93 -20.11
O3 SO4 L . 6.63 -3.52 -19.06
O4 SO4 L . 7.46 -5.79 -19.30
S SO4 M . -9.42 13.80 -11.52
O1 SO4 M . -9.38 14.53 -10.22
O2 SO4 M . -8.08 13.81 -12.29
O3 SO4 M . -10.37 14.25 -12.59
O4 SO4 M . -10.03 12.60 -10.87
S SO4 N . 19.55 -6.89 20.14
O1 SO4 N . 20.26 -8.19 19.95
O2 SO4 N . 19.94 -6.03 21.29
O3 SO4 N . 18.18 -7.23 20.48
O4 SO4 N . 19.70 -6.08 18.91
#